data_6U3X
#
_entry.id   6U3X
#
_cell.length_a   62.312
_cell.length_b   70.417
_cell.length_c   148.202
_cell.angle_alpha   90.000
_cell.angle_beta   90.000
_cell.angle_gamma   90.000
#
_symmetry.space_group_name_H-M   'P 21 21 21'
#
loop_
_entity.id
_entity.type
_entity.pdbx_description
1 polymer 'Proprotein convertase subtilisin/kexin type 9'
2 non-polymer 2-[(1R)-6,7-dimethoxy-1-methyl-1,2,3,4-tetrahydroisoquinolin-1-yl]-N-(1,3-thiazol-2-yl)acetamide
3 water water
#
_entity_poly.entity_id   1
_entity_poly.type   'polypeptide(L)'
_entity_poly.pdbx_seq_one_letter_code
;QEDEDGDYEELVLALRSEEDGLAEAPEHGTTATFHRCAKDPWRLPGTYVVVLKEETHLSQSERTARRLQAQAARRGYLTK
ILHVFHGLLPGFLVKMSGDLLELALKLPHVDYIEEDSSVFAQSIPWNLERITPPRYRADEYQPPDGGSLVEVYLLDTSIQ
SDHREIEGRVMVTDFENVPEEDGTRFHRQASKCDSHGTHLAGVVSGRDAGVAKGASMRSLRVLNCQGKGTVSGTLIGLEF
IRKSQLVQPVGPLVVLLPLAGGYSRVLNAACQRLARAGVVLVTAAGNFRDDACLYSPASAPEVITVGATNAQDQPVTLGT
LGTNFGRCVDLFAPGEDIIGASSDCSTCFVSQSGTSQAAAHVAGIAAMMLSAEPELTLAELRQRLIHFSAKDVINEAWFP
EDQRVLTPNLVAALPPSTHGAGWQLFCRTVWSAHSGPTRMATAIARCAPDEELLSCSSFSRSGKRRGERMEAQGGKLVCR
AHNAFGGEGVYAIARCCLLPQANCSVHTAPPAEASMGTRVHCHQQGHVLTGCSSHWEVEDLGTHKPPVLRPRGQPNQCVG
HREASIHASCCHAPGLECKVKEHGIPAPQEQVTVACEEGWTLTGCSALPGTSHVLGAYAVDNTCVVRSRDVSTTGSTSEE
AVTAVAICCRSRHLAQASQELQKGNSADIQHSGGRSSLEGPRFEGKPIPNPLLGLDSTRTGHHHHHH
;
_entity_poly.pdbx_strand_id   A,B
#
loop_
_chem_comp.id
_chem_comp.type
_chem_comp.name
_chem_comp.formula
PVV non-polymer 2-[(1R)-6,7-dimethoxy-1-methyl-1,2,3,4-tetrahydroisoquinolin-1-yl]-N-(1,3-thiazol-2-yl)acetamide 'C17 H21 N3 O3 S'
#
# COMPACT_ATOMS: atom_id res chain seq x y z
N THR A 31 -8.95 -16.39 -22.93
CA THR A 31 -8.08 -15.47 -22.19
C THR A 31 -8.83 -14.70 -21.08
N ALA A 32 -10.10 -14.31 -21.34
CA ALA A 32 -10.93 -13.56 -20.42
C ALA A 32 -11.41 -14.42 -19.24
N THR A 33 -11.31 -13.85 -18.02
CA THR A 33 -11.70 -14.52 -16.78
C THR A 33 -12.84 -13.78 -16.07
N PHE A 34 -13.56 -14.51 -15.19
CA PHE A 34 -14.65 -13.95 -14.39
C PHE A 34 -14.25 -13.96 -12.92
N HIS A 35 -14.67 -12.91 -12.19
CA HIS A 35 -14.37 -12.74 -10.77
C HIS A 35 -15.57 -12.21 -10.01
N ARG A 36 -15.76 -12.72 -8.80
CA ARG A 36 -16.84 -12.31 -7.92
C ARG A 36 -16.29 -12.24 -6.50
N CYS A 37 -16.88 -11.39 -5.65
CA CYS A 37 -16.48 -11.18 -4.26
C CYS A 37 -16.50 -12.48 -3.45
N ALA A 38 -15.44 -12.72 -2.67
CA ALA A 38 -15.27 -13.90 -1.81
C ALA A 38 -16.22 -13.82 -0.60
N LYS A 39 -16.59 -12.59 -0.19
CA LYS A 39 -17.52 -12.31 0.91
C LYS A 39 -18.92 -12.38 0.30
N ASP A 40 -19.55 -13.56 0.40
CA ASP A 40 -20.89 -13.85 -0.15
C ASP A 40 -21.97 -12.80 0.19
N PRO A 41 -22.16 -12.34 1.47
CA PRO A 41 -23.20 -11.31 1.71
C PRO A 41 -22.96 -9.96 1.04
N TRP A 42 -21.71 -9.64 0.64
CA TRP A 42 -21.36 -8.37 -0.01
C TRP A 42 -21.51 -8.41 -1.53
N ARG A 43 -21.85 -9.59 -2.10
CA ARG A 43 -22.03 -9.82 -3.52
C ARG A 43 -23.31 -9.19 -4.07
N LEU A 44 -23.22 -8.64 -5.30
CA LEU A 44 -24.35 -8.01 -5.98
C LEU A 44 -24.57 -8.68 -7.36
N PRO A 45 -25.23 -9.87 -7.43
CA PRO A 45 -25.45 -10.51 -8.74
C PRO A 45 -26.47 -9.75 -9.57
N GLY A 46 -26.30 -9.78 -10.88
CA GLY A 46 -27.18 -9.08 -11.80
C GLY A 46 -26.57 -7.80 -12.35
N THR A 47 -25.49 -7.32 -11.71
CA THR A 47 -24.74 -6.13 -12.09
C THR A 47 -23.28 -6.56 -12.29
N TYR A 48 -22.72 -6.29 -13.49
CA TYR A 48 -21.36 -6.68 -13.84
C TYR A 48 -20.55 -5.57 -14.49
N VAL A 49 -19.25 -5.51 -14.14
CA VAL A 49 -18.28 -4.55 -14.66
C VAL A 49 -17.46 -5.31 -15.71
N VAL A 50 -17.65 -4.96 -16.98
CA VAL A 50 -16.92 -5.60 -18.08
C VAL A 50 -15.68 -4.74 -18.28
N VAL A 51 -14.49 -5.32 -18.05
CA VAL A 51 -13.22 -4.62 -18.18
C VAL A 51 -12.54 -5.08 -19.45
N LEU A 52 -12.22 -4.12 -20.33
CA LEU A 52 -11.58 -4.41 -21.61
C LEU A 52 -10.05 -4.23 -21.56
N LYS A 53 -9.35 -4.64 -22.63
CA LYS A 53 -7.88 -4.56 -22.74
C LYS A 53 -7.36 -3.13 -22.62
N GLU A 54 -6.18 -3.00 -21.97
CA GLU A 54 -5.44 -1.78 -21.65
C GLU A 54 -5.55 -0.61 -22.67
N GLU A 55 -5.48 -0.91 -23.97
CA GLU A 55 -5.53 0.13 -25.00
C GLU A 55 -6.80 0.14 -25.86
N THR A 56 -7.93 -0.33 -25.30
CA THR A 56 -9.22 -0.32 -26.00
C THR A 56 -9.75 1.10 -25.98
N HIS A 57 -10.19 1.61 -27.15
CA HIS A 57 -10.71 2.96 -27.30
C HIS A 57 -12.21 2.99 -26.94
N LEU A 58 -12.71 4.18 -26.53
CA LEU A 58 -14.10 4.45 -26.14
C LEU A 58 -15.13 3.98 -27.19
N SER A 59 -14.85 4.21 -28.49
CA SER A 59 -15.72 3.79 -29.62
C SER A 59 -15.88 2.27 -29.64
N GLN A 60 -14.77 1.54 -29.43
CA GLN A 60 -14.71 0.07 -29.39
C GLN A 60 -15.48 -0.44 -28.19
N SER A 61 -15.32 0.23 -27.01
CA SER A 61 -15.99 -0.09 -25.76
C SER A 61 -17.52 -0.01 -25.88
N GLU A 62 -18.02 1.05 -26.53
CA GLU A 62 -19.45 1.27 -26.75
C GLU A 62 -20.00 0.23 -27.73
N ARG A 63 -19.23 -0.09 -28.80
CA ARG A 63 -19.59 -1.07 -29.82
C ARG A 63 -19.69 -2.47 -29.22
N THR A 64 -18.76 -2.83 -28.30
CA THR A 64 -18.73 -4.11 -27.59
C THR A 64 -19.95 -4.21 -26.66
N ALA A 65 -20.38 -3.07 -26.09
CA ALA A 65 -21.55 -3.00 -25.19
C ALA A 65 -22.84 -3.19 -25.98
N ARG A 66 -22.92 -2.58 -27.18
CA ARG A 66 -24.08 -2.68 -28.08
C ARG A 66 -24.17 -4.08 -28.69
N ARG A 67 -23.00 -4.69 -28.95
CA ARG A 67 -22.87 -6.05 -29.49
C ARG A 67 -23.47 -7.02 -28.46
N LEU A 68 -23.08 -6.88 -27.17
CA LEU A 68 -23.58 -7.69 -26.07
C LEU A 68 -25.10 -7.60 -25.99
N GLN A 69 -25.65 -6.38 -26.05
CA GLN A 69 -27.08 -6.08 -26.03
C GLN A 69 -27.83 -6.74 -27.21
N ALA A 70 -27.18 -6.76 -28.39
CA ALA A 70 -27.74 -7.35 -29.61
C ALA A 70 -27.77 -8.88 -29.51
N GLN A 71 -26.63 -9.50 -29.12
CA GLN A 71 -26.49 -10.95 -28.94
C GLN A 71 -27.40 -11.46 -27.82
N ALA A 72 -27.62 -10.64 -26.77
CA ALA A 72 -28.47 -10.98 -25.62
C ALA A 72 -29.95 -10.88 -25.97
N ALA A 73 -30.31 -9.95 -26.88
CA ALA A 73 -31.69 -9.73 -27.33
C ALA A 73 -32.15 -10.91 -28.18
N ARG A 74 -31.21 -11.55 -28.91
CA ARG A 74 -31.47 -12.72 -29.76
C ARG A 74 -31.78 -13.93 -28.89
N ARG A 75 -31.17 -14.01 -27.69
CA ARG A 75 -31.37 -15.09 -26.73
C ARG A 75 -32.58 -14.86 -25.82
N GLY A 76 -33.27 -13.73 -25.99
CA GLY A 76 -34.46 -13.37 -25.22
C GLY A 76 -34.20 -12.74 -23.86
N TYR A 77 -32.96 -12.29 -23.62
CA TYR A 77 -32.55 -11.65 -22.36
C TYR A 77 -32.52 -10.14 -22.52
N LEU A 78 -33.03 -9.42 -21.50
CA LEU A 78 -33.04 -7.96 -21.49
C LEU A 78 -31.82 -7.44 -20.71
N THR A 79 -31.00 -6.61 -21.35
CA THR A 79 -29.79 -6.02 -20.77
C THR A 79 -29.88 -4.50 -20.73
N LYS A 80 -29.20 -3.89 -19.76
CA LYS A 80 -29.15 -2.44 -19.61
C LYS A 80 -27.70 -2.00 -19.39
N ILE A 81 -27.20 -1.09 -20.25
CA ILE A 81 -25.85 -0.52 -20.14
C ILE A 81 -26.00 0.69 -19.23
N LEU A 82 -25.62 0.53 -17.96
CA LEU A 82 -25.72 1.57 -16.94
C LEU A 82 -24.68 2.67 -17.06
N HIS A 83 -23.46 2.32 -17.47
CA HIS A 83 -22.36 3.28 -17.58
C HIS A 83 -21.24 2.76 -18.49
N VAL A 84 -20.58 3.64 -19.24
CA VAL A 84 -19.45 3.27 -20.09
C VAL A 84 -18.21 3.95 -19.50
N PHE A 85 -17.21 3.13 -19.15
CA PHE A 85 -15.95 3.57 -18.54
C PHE A 85 -14.91 3.99 -19.56
N HIS A 86 -14.18 5.07 -19.24
CA HIS A 86 -13.08 5.65 -20.03
C HIS A 86 -12.42 6.76 -19.21
N GLY A 87 -11.09 6.80 -19.23
CA GLY A 87 -10.33 7.77 -18.46
C GLY A 87 -9.31 7.08 -17.59
N LEU A 88 -9.73 5.97 -16.95
CA LEU A 88 -8.88 5.15 -16.09
C LEU A 88 -8.81 3.75 -16.71
N LEU A 89 -9.96 3.06 -16.83
CA LEU A 89 -10.04 1.72 -17.42
C LEU A 89 -11.07 1.67 -18.54
N PRO A 90 -10.81 0.96 -19.67
CA PRO A 90 -11.83 0.87 -20.72
C PRO A 90 -12.82 -0.26 -20.38
N GLY A 91 -14.10 0.00 -20.59
CA GLY A 91 -15.13 -0.99 -20.32
C GLY A 91 -16.49 -0.40 -20.09
N PHE A 92 -17.39 -1.18 -19.44
CA PHE A 92 -18.76 -0.75 -19.17
C PHE A 92 -19.43 -1.52 -18.01
N LEU A 93 -20.48 -0.92 -17.44
CA LEU A 93 -21.28 -1.46 -16.35
C LEU A 93 -22.61 -1.93 -16.96
N VAL A 94 -22.86 -3.24 -16.90
CA VAL A 94 -24.06 -3.87 -17.47
C VAL A 94 -24.93 -4.55 -16.39
N LYS A 95 -26.26 -4.32 -16.48
CA LYS A 95 -27.28 -4.90 -15.63
C LYS A 95 -27.89 -6.02 -16.47
N MET A 96 -27.43 -7.25 -16.23
CA MET A 96 -27.88 -8.43 -16.99
C MET A 96 -27.88 -9.70 -16.14
N SER A 97 -28.54 -10.76 -16.66
CA SER A 97 -28.58 -12.07 -16.02
C SER A 97 -27.18 -12.68 -16.19
N GLY A 98 -26.76 -13.45 -15.19
CA GLY A 98 -25.47 -14.11 -15.19
C GLY A 98 -25.28 -15.09 -16.34
N ASP A 99 -26.38 -15.64 -16.87
CA ASP A 99 -26.43 -16.60 -17.98
C ASP A 99 -25.65 -16.14 -19.21
N LEU A 100 -25.57 -14.82 -19.41
CA LEU A 100 -24.89 -14.19 -20.53
C LEU A 100 -23.40 -14.01 -20.31
N LEU A 101 -22.85 -14.41 -19.14
CA LEU A 101 -21.43 -14.26 -18.84
C LEU A 101 -20.51 -15.00 -19.80
N GLU A 102 -20.85 -16.25 -20.18
CA GLU A 102 -20.06 -17.06 -21.13
C GLU A 102 -20.04 -16.37 -22.49
N LEU A 103 -21.18 -15.79 -22.90
CA LEU A 103 -21.37 -15.05 -24.15
C LEU A 103 -20.51 -13.76 -24.09
N ALA A 104 -20.53 -13.06 -22.92
CA ALA A 104 -19.80 -11.83 -22.66
C ALA A 104 -18.29 -12.01 -22.57
N LEU A 105 -17.83 -13.18 -22.07
CA LEU A 105 -16.40 -13.49 -21.96
C LEU A 105 -15.79 -13.77 -23.34
N LYS A 106 -16.64 -14.14 -24.32
CA LYS A 106 -16.26 -14.46 -25.69
C LYS A 106 -16.16 -13.20 -26.57
N LEU A 107 -16.73 -12.07 -26.12
CA LEU A 107 -16.74 -10.78 -26.84
C LEU A 107 -15.32 -10.26 -27.12
N PRO A 108 -15.10 -9.52 -28.24
CA PRO A 108 -13.75 -8.99 -28.50
C PRO A 108 -13.36 -7.91 -27.49
N HIS A 109 -12.03 -7.72 -27.27
CA HIS A 109 -11.41 -6.76 -26.36
C HIS A 109 -11.57 -7.07 -24.87
N VAL A 110 -12.40 -8.06 -24.49
CA VAL A 110 -12.64 -8.41 -23.07
C VAL A 110 -11.37 -8.95 -22.39
N ASP A 111 -10.99 -8.31 -21.27
CA ASP A 111 -9.83 -8.68 -20.47
C ASP A 111 -10.32 -9.55 -19.30
N TYR A 112 -11.33 -9.05 -18.56
CA TYR A 112 -11.98 -9.71 -17.43
C TYR A 112 -13.30 -9.05 -17.08
N ILE A 113 -14.21 -9.83 -16.48
CA ILE A 113 -15.51 -9.35 -16.05
C ILE A 113 -15.62 -9.58 -14.55
N GLU A 114 -16.11 -8.58 -13.82
CA GLU A 114 -16.27 -8.70 -12.40
C GLU A 114 -17.70 -8.40 -11.96
N GLU A 115 -18.23 -9.25 -11.07
CA GLU A 115 -19.57 -9.09 -10.50
C GLU A 115 -19.45 -7.97 -9.47
N ASP A 116 -20.35 -6.96 -9.55
CA ASP A 116 -20.34 -5.82 -8.63
C ASP A 116 -20.51 -6.28 -7.17
N SER A 117 -19.96 -5.50 -6.23
CA SER A 117 -20.04 -5.81 -4.81
C SER A 117 -20.08 -4.58 -3.92
N SER A 118 -20.51 -4.76 -2.68
CA SER A 118 -20.66 -3.71 -1.69
C SER A 118 -19.35 -3.23 -1.09
N VAL A 119 -19.31 -1.92 -0.79
CA VAL A 119 -18.19 -1.24 -0.12
C VAL A 119 -18.83 -0.59 1.10
N PHE A 120 -18.09 -0.46 2.21
CA PHE A 120 -18.65 0.11 3.43
C PHE A 120 -17.78 1.14 4.10
N ALA A 121 -18.42 2.14 4.73
CA ALA A 121 -17.76 3.23 5.47
C ALA A 121 -16.98 2.61 6.62
N GLN A 122 -15.68 2.93 6.70
CA GLN A 122 -14.82 2.40 7.76
C GLN A 122 -14.73 3.33 9.00
N SER B 123 -6.53 21.10 26.07
CA SER B 123 -7.08 21.92 25.00
C SER B 123 -6.85 21.28 23.62
N ILE B 124 -5.58 21.00 23.24
CA ILE B 124 -5.25 20.38 21.95
C ILE B 124 -5.67 18.90 21.94
N PRO B 125 -6.48 18.46 20.94
CA PRO B 125 -6.91 17.04 20.89
C PRO B 125 -5.72 16.09 20.75
N TRP B 126 -5.74 14.98 21.53
CA TRP B 126 -4.68 13.96 21.59
C TRP B 126 -4.08 13.58 20.23
N ASN B 127 -4.95 13.34 19.24
CA ASN B 127 -4.60 12.91 17.88
C ASN B 127 -3.75 13.92 17.12
N LEU B 128 -4.03 15.22 17.30
CA LEU B 128 -3.30 16.28 16.65
C LEU B 128 -1.93 16.49 17.30
N GLU B 129 -1.78 16.10 18.58
CA GLU B 129 -0.51 16.21 19.29
C GLU B 129 0.45 15.06 18.89
N ARG B 130 -0.08 13.83 18.67
CA ARG B 130 0.70 12.63 18.29
C ARG B 130 1.41 12.82 16.95
N ILE B 131 0.70 13.40 15.97
CA ILE B 131 1.21 13.66 14.63
C ILE B 131 2.21 14.85 14.62
N THR B 132 2.26 15.63 15.71
CA THR B 132 3.17 16.77 15.81
C THR B 132 4.61 16.26 16.08
N PRO B 133 5.57 16.59 15.18
CA PRO B 133 6.96 16.12 15.37
C PRO B 133 7.70 16.75 16.55
N PRO B 134 8.85 16.17 16.99
CA PRO B 134 9.59 16.76 18.12
C PRO B 134 10.16 18.17 17.89
N ARG B 135 10.02 18.71 16.67
CA ARG B 135 10.46 20.05 16.28
C ARG B 135 9.49 20.55 15.19
N TYR B 136 8.90 21.75 15.38
CA TYR B 136 7.93 22.28 14.40
C TYR B 136 7.76 23.81 14.43
N ARG B 137 6.99 24.32 13.44
CA ARG B 137 6.66 25.73 13.22
C ARG B 137 5.18 26.01 13.53
N GLY B 146 -2.46 24.15 6.53
CA GLY B 146 -2.04 24.20 5.15
C GLY B 146 -2.96 23.46 4.19
N GLY B 147 -2.56 23.41 2.92
CA GLY B 147 -3.31 22.74 1.86
C GLY B 147 -4.06 23.66 0.91
N SER B 148 -3.43 24.78 0.51
CA SER B 148 -4.03 25.74 -0.42
C SER B 148 -3.67 25.30 -1.84
N LEU B 149 -2.39 24.97 -2.03
CA LEU B 149 -1.75 24.50 -3.25
C LEU B 149 -2.25 23.10 -3.64
N VAL B 150 -2.57 22.27 -2.63
CA VAL B 150 -3.05 20.89 -2.76
C VAL B 150 -4.55 20.80 -2.48
N GLU B 151 -5.28 20.03 -3.31
CA GLU B 151 -6.71 19.77 -3.18
C GLU B 151 -6.94 18.34 -2.68
N VAL B 152 -7.92 18.13 -1.78
CA VAL B 152 -8.23 16.81 -1.22
C VAL B 152 -9.65 16.36 -1.59
N TYR B 153 -9.74 15.26 -2.36
CA TYR B 153 -11.01 14.66 -2.78
C TYR B 153 -11.46 13.60 -1.76
N LEU B 154 -12.73 13.67 -1.34
CA LEU B 154 -13.30 12.73 -0.38
C LEU B 154 -14.44 11.95 -1.03
N LEU B 155 -14.38 10.61 -0.98
CA LEU B 155 -15.40 9.72 -1.53
C LEU B 155 -16.02 8.97 -0.38
N ASP B 156 -17.04 9.56 0.21
CA ASP B 156 -17.73 9.01 1.36
C ASP B 156 -19.25 9.21 1.19
N THR B 157 -19.93 9.61 2.28
CA THR B 157 -21.36 9.86 2.34
C THR B 157 -21.58 11.33 1.93
N SER B 158 -22.84 11.82 2.04
CA SER B 158 -23.16 13.22 1.76
C SER B 158 -22.57 14.06 2.92
N ILE B 159 -22.31 15.35 2.71
CA ILE B 159 -21.70 16.14 3.77
C ILE B 159 -22.44 17.45 4.05
N GLN B 160 -22.36 17.93 5.31
CA GLN B 160 -22.96 19.18 5.72
C GLN B 160 -21.90 20.25 5.45
N SER B 161 -21.91 20.78 4.21
CA SER B 161 -20.97 21.80 3.74
C SER B 161 -21.05 23.11 4.54
N ASP B 162 -22.23 23.38 5.12
CA ASP B 162 -22.56 24.57 5.92
C ASP B 162 -21.97 24.54 7.34
N HIS B 163 -21.35 23.41 7.76
CA HIS B 163 -20.73 23.28 9.08
C HIS B 163 -19.56 24.26 9.16
N ARG B 164 -19.53 25.07 10.23
CA ARG B 164 -18.53 26.13 10.49
C ARG B 164 -17.07 25.67 10.44
N GLU B 165 -16.82 24.40 10.77
CA GLU B 165 -15.49 23.79 10.78
C GLU B 165 -14.92 23.64 9.35
N ILE B 166 -15.80 23.42 8.35
CA ILE B 166 -15.44 23.22 6.94
C ILE B 166 -16.11 24.22 5.96
N GLU B 167 -16.79 25.25 6.49
CA GLU B 167 -17.50 26.30 5.74
C GLU B 167 -16.59 27.09 4.79
N GLY B 168 -16.99 27.12 3.52
CA GLY B 168 -16.30 27.83 2.46
C GLY B 168 -15.08 27.17 1.85
N ARG B 169 -14.58 26.08 2.48
CA ARG B 169 -13.39 25.36 2.00
C ARG B 169 -13.70 23.96 1.40
N VAL B 170 -14.97 23.54 1.44
CA VAL B 170 -15.39 22.26 0.87
C VAL B 170 -16.41 22.50 -0.23
N MET B 171 -16.14 21.98 -1.44
CA MET B 171 -17.03 22.12 -2.60
C MET B 171 -17.70 20.77 -2.86
N VAL B 172 -19.03 20.73 -2.65
CA VAL B 172 -19.81 19.51 -2.88
C VAL B 172 -20.10 19.41 -4.38
N THR B 173 -19.59 18.35 -5.01
CA THR B 173 -19.75 18.08 -6.43
C THR B 173 -21.18 17.60 -6.74
N ASP B 174 -21.90 17.16 -5.68
CA ASP B 174 -23.28 16.63 -5.71
C ASP B 174 -23.38 15.33 -6.54
N PHE B 175 -22.23 14.64 -6.70
CA PHE B 175 -22.14 13.38 -7.43
C PHE B 175 -22.86 12.30 -6.64
N GLU B 176 -23.73 11.53 -7.31
CA GLU B 176 -24.50 10.48 -6.65
C GLU B 176 -24.56 9.17 -7.43
N ASN B 177 -24.11 8.08 -6.78
CA ASN B 177 -24.11 6.70 -7.26
C ASN B 177 -24.07 5.79 -6.03
N VAL B 178 -25.19 5.83 -5.28
CA VAL B 178 -25.38 5.10 -4.02
C VAL B 178 -26.50 4.03 -4.12
N PRO B 179 -26.38 2.89 -3.39
CA PRO B 179 -27.46 1.89 -3.46
C PRO B 179 -28.68 2.30 -2.61
N GLU B 180 -29.86 1.74 -2.93
CA GLU B 180 -31.13 2.03 -2.24
C GLU B 180 -31.08 1.68 -0.73
N GLU B 181 -31.51 2.63 0.12
CA GLU B 181 -31.55 2.45 1.57
C GLU B 181 -32.67 1.47 1.94
N ASP B 182 -32.33 0.40 2.69
CA ASP B 182 -33.29 -0.64 3.11
C ASP B 182 -33.80 -0.43 4.53
N ALA B 190 -32.16 12.08 7.99
CA ALA B 190 -31.75 13.26 7.22
C ALA B 190 -30.43 13.84 7.73
N SER B 191 -30.15 13.73 9.04
CA SER B 191 -28.92 14.20 9.68
C SER B 191 -27.93 13.06 9.86
N LYS B 192 -28.45 11.82 10.03
CA LYS B 192 -27.69 10.58 10.20
C LYS B 192 -26.92 10.20 8.91
N CYS B 193 -27.41 10.67 7.73
CA CYS B 193 -26.79 10.42 6.43
C CYS B 193 -25.40 11.05 6.34
N ASP B 194 -25.30 12.37 6.63
CA ASP B 194 -24.09 13.20 6.59
C ASP B 194 -23.04 12.92 7.67
N SER B 195 -23.39 12.14 8.71
CA SER B 195 -22.57 11.79 9.88
C SER B 195 -21.10 11.41 9.59
N HIS B 196 -20.86 10.37 8.76
CA HIS B 196 -19.52 9.87 8.45
C HIS B 196 -18.62 10.83 7.62
N GLY B 197 -19.18 11.42 6.57
CA GLY B 197 -18.46 12.33 5.69
C GLY B 197 -18.05 13.66 6.32
N THR B 198 -18.96 14.28 7.10
CA THR B 198 -18.72 15.56 7.77
C THR B 198 -17.55 15.47 8.75
N HIS B 199 -17.51 14.40 9.56
CA HIS B 199 -16.44 14.16 10.52
C HIS B 199 -15.09 14.08 9.83
N LEU B 200 -14.99 13.29 8.73
CA LEU B 200 -13.76 13.10 7.94
C LEU B 200 -13.31 14.37 7.23
N ALA B 201 -14.26 15.17 6.70
CA ALA B 201 -13.95 16.45 6.04
C ALA B 201 -13.38 17.38 7.10
N GLY B 202 -13.87 17.22 8.34
CA GLY B 202 -13.45 17.96 9.52
C GLY B 202 -12.07 17.53 9.99
N VAL B 203 -11.79 16.20 10.00
CA VAL B 203 -10.48 15.66 10.41
C VAL B 203 -9.39 16.16 9.45
N VAL B 204 -9.71 16.23 8.14
CA VAL B 204 -8.78 16.67 7.10
C VAL B 204 -8.60 18.21 7.06
N SER B 205 -9.68 18.98 6.79
CA SER B 205 -9.63 20.45 6.61
C SER B 205 -10.12 21.34 7.78
N GLY B 206 -10.63 20.75 8.86
CA GLY B 206 -11.15 21.47 10.03
C GLY B 206 -10.33 22.64 10.55
N ARG B 207 -10.99 23.79 10.78
CA ARG B 207 -10.36 25.02 11.27
C ARG B 207 -9.75 24.90 12.67
N ASP B 208 -10.44 24.22 13.61
CA ASP B 208 -10.00 24.06 15.00
C ASP B 208 -9.51 22.66 15.37
N ALA B 209 -10.05 21.59 14.72
CA ALA B 209 -9.69 20.20 15.00
C ALA B 209 -9.16 19.40 13.79
N GLY B 210 -8.77 20.10 12.72
CA GLY B 210 -8.26 19.48 11.51
C GLY B 210 -6.76 19.36 11.39
N VAL B 211 -6.31 18.41 10.57
CA VAL B 211 -4.89 18.13 10.33
C VAL B 211 -4.29 19.21 9.41
N ALA B 212 -4.90 19.40 8.23
CA ALA B 212 -4.49 20.42 7.26
C ALA B 212 -5.56 21.51 7.29
N LYS B 213 -5.48 22.37 8.33
CA LYS B 213 -6.39 23.48 8.60
C LYS B 213 -6.65 24.37 7.38
N GLY B 214 -7.93 24.47 7.01
CA GLY B 214 -8.42 25.25 5.89
C GLY B 214 -7.97 24.79 4.52
N ALA B 215 -7.84 23.46 4.30
CA ALA B 215 -7.42 22.92 3.01
C ALA B 215 -8.60 22.80 2.06
N SER B 216 -8.36 23.02 0.76
CA SER B 216 -9.40 22.94 -0.26
C SER B 216 -9.86 21.49 -0.41
N MET B 217 -11.17 21.25 -0.18
CA MET B 217 -11.75 19.91 -0.25
C MET B 217 -12.87 19.78 -1.27
N ARG B 218 -12.99 18.59 -1.89
CA ARG B 218 -14.03 18.28 -2.87
C ARG B 218 -14.63 16.93 -2.50
N SER B 219 -15.93 16.91 -2.20
CA SER B 219 -16.57 15.67 -1.80
C SER B 219 -17.49 15.08 -2.86
N LEU B 220 -17.41 13.75 -3.01
CA LEU B 220 -18.20 12.93 -3.93
C LEU B 220 -18.96 11.93 -3.09
N ARG B 221 -20.26 11.79 -3.34
CA ARG B 221 -21.07 10.84 -2.57
C ARG B 221 -21.11 9.50 -3.29
N VAL B 222 -20.53 8.48 -2.63
CA VAL B 222 -20.49 7.10 -3.12
C VAL B 222 -21.07 6.14 -2.08
N LEU B 223 -21.38 6.65 -0.88
CA LEU B 223 -21.96 5.88 0.22
C LEU B 223 -23.31 6.48 0.63
N ASN B 224 -24.31 5.60 0.87
CA ASN B 224 -25.67 6.02 1.24
C ASN B 224 -25.76 6.43 2.75
N CYS B 225 -27.01 6.61 3.25
CA CYS B 225 -27.31 7.01 4.61
C CYS B 225 -26.80 6.02 5.68
N GLN B 226 -26.65 4.73 5.32
CA GLN B 226 -26.15 3.66 6.19
C GLN B 226 -24.63 3.43 6.02
N GLY B 227 -23.98 4.27 5.22
CA GLY B 227 -22.55 4.21 4.93
C GLY B 227 -22.20 3.04 4.03
N LYS B 228 -23.10 2.71 3.09
CA LYS B 228 -22.94 1.59 2.15
C LYS B 228 -22.90 2.08 0.70
N GLY B 229 -22.01 1.49 -0.08
CA GLY B 229 -21.82 1.81 -1.50
C GLY B 229 -21.59 0.59 -2.35
N THR B 230 -21.21 0.80 -3.61
CA THR B 230 -20.91 -0.28 -4.57
C THR B 230 -19.51 -0.06 -5.16
N VAL B 231 -18.88 -1.13 -5.67
CA VAL B 231 -17.56 -1.05 -6.30
C VAL B 231 -17.71 -0.18 -7.57
N SER B 232 -18.77 -0.45 -8.36
CA SER B 232 -19.10 0.26 -9.60
C SER B 232 -19.26 1.77 -9.38
N GLY B 233 -19.99 2.15 -8.33
CA GLY B 233 -20.21 3.55 -7.96
C GLY B 233 -18.92 4.26 -7.61
N THR B 234 -18.02 3.54 -6.90
CA THR B 234 -16.69 4.00 -6.49
C THR B 234 -15.82 4.18 -7.75
N LEU B 235 -15.94 3.26 -8.74
CA LEU B 235 -15.20 3.30 -10.01
C LEU B 235 -15.59 4.56 -10.80
N ILE B 236 -16.91 4.87 -10.87
CA ILE B 236 -17.45 6.05 -11.55
C ILE B 236 -16.96 7.31 -10.81
N GLY B 237 -16.88 7.21 -9.48
CA GLY B 237 -16.40 8.27 -8.60
C GLY B 237 -14.95 8.61 -8.86
N LEU B 238 -14.08 7.59 -8.99
CA LEU B 238 -12.64 7.74 -9.27
C LEU B 238 -12.41 8.29 -10.70
N GLU B 239 -13.26 7.85 -11.65
CA GLU B 239 -13.22 8.25 -13.06
C GLU B 239 -13.58 9.74 -13.17
N PHE B 240 -14.52 10.21 -12.32
CA PHE B 240 -14.99 11.59 -12.26
C PHE B 240 -13.85 12.52 -11.84
N ILE B 241 -13.04 12.10 -10.84
CA ILE B 241 -11.89 12.85 -10.34
C ILE B 241 -10.88 13.05 -11.47
N ARG B 242 -10.59 11.97 -12.23
CA ARG B 242 -9.65 12.01 -13.37
C ARG B 242 -10.21 12.89 -14.50
N LYS B 243 -11.53 12.80 -14.78
CA LYS B 243 -12.20 13.58 -15.81
C LYS B 243 -12.17 15.06 -15.43
N SER B 244 -12.38 15.36 -14.13
CA SER B 244 -12.33 16.71 -13.57
C SER B 244 -10.90 17.26 -13.70
N GLN B 245 -9.89 16.40 -13.43
CA GLN B 245 -8.46 16.72 -13.51
C GLN B 245 -8.04 17.03 -14.94
N LEU B 246 -8.57 16.28 -15.92
CA LEU B 246 -8.26 16.48 -17.34
C LEU B 246 -8.90 17.76 -17.89
N VAL B 247 -10.14 18.06 -17.47
CA VAL B 247 -10.86 19.27 -17.91
C VAL B 247 -10.21 20.53 -17.32
N GLN B 248 -10.16 20.63 -15.99
CA GLN B 248 -9.58 21.77 -15.28
C GLN B 248 -8.41 21.38 -14.37
N PRO B 249 -7.19 21.14 -14.92
CA PRO B 249 -6.05 20.74 -14.06
C PRO B 249 -5.63 21.77 -13.02
N VAL B 250 -5.20 21.27 -11.84
CA VAL B 250 -4.73 22.04 -10.68
C VAL B 250 -3.36 21.49 -10.25
N GLY B 251 -2.98 21.66 -8.97
CA GLY B 251 -1.72 21.15 -8.46
C GLY B 251 -1.80 19.73 -7.94
N PRO B 252 -0.98 19.36 -6.91
CA PRO B 252 -1.03 17.99 -6.36
C PRO B 252 -2.43 17.59 -5.89
N LEU B 253 -2.81 16.32 -6.11
CA LEU B 253 -4.13 15.82 -5.76
C LEU B 253 -4.08 14.66 -4.77
N VAL B 254 -4.88 14.75 -3.70
CA VAL B 254 -4.96 13.73 -2.64
C VAL B 254 -6.39 13.19 -2.62
N VAL B 255 -6.56 11.88 -2.86
CA VAL B 255 -7.87 11.25 -2.86
C VAL B 255 -7.98 10.35 -1.64
N LEU B 256 -8.96 10.64 -0.78
CA LEU B 256 -9.22 9.87 0.41
C LEU B 256 -10.39 8.93 0.14
N LEU B 257 -10.13 7.62 0.29
CA LEU B 257 -11.10 6.55 0.11
C LEU B 257 -11.30 5.90 1.50
N PRO B 258 -12.19 6.45 2.35
CA PRO B 258 -12.38 5.86 3.69
C PRO B 258 -13.41 4.75 3.72
N LEU B 259 -13.30 3.84 2.75
CA LEU B 259 -14.19 2.69 2.58
C LEU B 259 -13.41 1.41 2.33
N ALA B 260 -14.11 0.26 2.43
CA ALA B 260 -13.55 -1.08 2.22
C ALA B 260 -14.63 -2.09 1.93
N GLY B 261 -14.31 -2.96 0.98
CA GLY B 261 -15.11 -4.09 0.54
C GLY B 261 -14.12 -5.22 0.38
N GLY B 262 -14.55 -6.36 -0.15
CA GLY B 262 -13.67 -7.50 -0.35
C GLY B 262 -12.67 -7.22 -1.46
N TYR B 263 -11.62 -8.08 -1.60
CA TYR B 263 -10.63 -7.92 -2.66
C TYR B 263 -11.36 -7.75 -4.01
N SER B 264 -11.02 -6.68 -4.74
CA SER B 264 -11.61 -6.35 -6.03
C SER B 264 -10.52 -6.06 -7.05
N ARG B 265 -10.48 -6.89 -8.10
CA ARG B 265 -9.50 -6.79 -9.18
C ARG B 265 -9.66 -5.46 -9.95
N VAL B 266 -10.91 -5.09 -10.29
CA VAL B 266 -11.22 -3.87 -11.03
C VAL B 266 -10.92 -2.61 -10.18
N LEU B 267 -11.37 -2.58 -8.90
CA LEU B 267 -11.13 -1.44 -8.01
C LEU B 267 -9.62 -1.20 -7.77
N ASN B 268 -8.83 -2.28 -7.59
CA ASN B 268 -7.38 -2.18 -7.42
C ASN B 268 -6.70 -1.70 -8.69
N ALA B 269 -7.24 -2.11 -9.87
CA ALA B 269 -6.73 -1.72 -11.18
C ALA B 269 -7.01 -0.22 -11.43
N ALA B 270 -8.20 0.27 -11.02
CA ALA B 270 -8.61 1.67 -11.15
C ALA B 270 -7.74 2.57 -10.30
N CYS B 271 -7.40 2.09 -9.08
CA CYS B 271 -6.54 2.79 -8.13
C CYS B 271 -5.12 2.88 -8.68
N GLN B 272 -4.65 1.80 -9.35
CA GLN B 272 -3.34 1.71 -9.98
C GLN B 272 -3.20 2.74 -11.08
N ARG B 273 -4.19 2.80 -12.01
CA ARG B 273 -4.19 3.74 -13.14
C ARG B 273 -4.36 5.19 -12.71
N LEU B 274 -5.09 5.46 -11.61
CA LEU B 274 -5.26 6.83 -11.11
C LEU B 274 -3.94 7.31 -10.48
N ALA B 275 -3.17 6.39 -9.88
CA ALA B 275 -1.88 6.68 -9.27
C ALA B 275 -0.83 6.93 -10.36
N ARG B 276 -0.93 6.19 -11.51
CA ARG B 276 -0.03 6.32 -12.67
C ARG B 276 -0.17 7.72 -13.27
N ALA B 277 -1.39 8.26 -13.23
CA ALA B 277 -1.78 9.58 -13.71
C ALA B 277 -1.14 10.73 -12.90
N GLY B 278 -0.72 10.44 -11.66
CA GLY B 278 -0.09 11.39 -10.75
C GLY B 278 -0.95 11.80 -9.56
N VAL B 279 -1.88 10.93 -9.15
CA VAL B 279 -2.79 11.19 -8.03
C VAL B 279 -2.41 10.36 -6.81
N VAL B 280 -2.41 10.99 -5.63
CA VAL B 280 -2.10 10.36 -4.35
C VAL B 280 -3.39 9.74 -3.81
N LEU B 281 -3.38 8.44 -3.52
CA LEU B 281 -4.56 7.76 -2.99
C LEU B 281 -4.30 7.26 -1.58
N VAL B 282 -5.17 7.67 -0.64
CA VAL B 282 -5.10 7.30 0.77
C VAL B 282 -6.36 6.51 1.08
N THR B 283 -6.20 5.28 1.62
CA THR B 283 -7.34 4.43 1.96
C THR B 283 -7.30 3.91 3.39
N ALA B 284 -8.47 3.50 3.91
CA ALA B 284 -8.63 2.93 5.23
C ALA B 284 -8.23 1.44 5.14
N ALA B 285 -7.52 0.91 6.16
CA ALA B 285 -7.10 -0.50 6.17
C ALA B 285 -8.29 -1.44 6.30
N GLY B 286 -9.29 -1.02 7.07
CA GLY B 286 -10.51 -1.78 7.37
C GLY B 286 -10.67 -2.02 8.85
N ASN B 287 -11.93 -2.19 9.31
CA ASN B 287 -12.28 -2.39 10.71
C ASN B 287 -12.77 -3.83 10.98
N PHE B 288 -12.15 -4.81 10.31
CA PHE B 288 -12.55 -6.21 10.40
C PHE B 288 -11.59 -7.12 11.16
N ARG B 289 -10.55 -6.53 11.83
CA ARG B 289 -9.53 -7.24 12.64
C ARG B 289 -8.98 -8.42 11.82
N ASP B 290 -8.62 -8.13 10.57
CA ASP B 290 -8.19 -9.10 9.58
C ASP B 290 -7.02 -8.56 8.76
N ASP B 291 -6.51 -9.36 7.83
CA ASP B 291 -5.42 -9.00 6.91
C ASP B 291 -6.02 -8.02 5.89
N ALA B 292 -5.43 -6.82 5.77
CA ALA B 292 -5.87 -5.76 4.85
C ALA B 292 -5.79 -6.14 3.37
N CYS B 293 -4.97 -7.16 3.05
CA CYS B 293 -4.76 -7.68 1.69
C CYS B 293 -6.00 -8.36 1.09
N LEU B 294 -6.96 -8.77 1.94
CA LEU B 294 -8.21 -9.43 1.53
C LEU B 294 -9.34 -8.40 1.34
N TYR B 295 -9.01 -7.09 1.37
CA TYR B 295 -9.95 -6.00 1.22
C TYR B 295 -9.51 -4.98 0.16
N SER B 296 -10.47 -4.30 -0.48
CA SER B 296 -10.20 -3.29 -1.50
C SER B 296 -10.92 -1.96 -1.18
N PRO B 297 -10.33 -0.79 -1.47
CA PRO B 297 -9.04 -0.53 -2.12
C PRO B 297 -7.78 -0.71 -1.25
N ALA B 298 -7.92 -1.31 -0.05
CA ALA B 298 -6.84 -1.56 0.91
C ALA B 298 -5.65 -2.37 0.35
N SER B 299 -5.90 -3.31 -0.56
CA SER B 299 -4.86 -4.16 -1.14
C SER B 299 -4.25 -3.63 -2.45
N ALA B 300 -4.73 -2.48 -2.98
CA ALA B 300 -4.19 -1.88 -4.22
C ALA B 300 -2.74 -1.44 -3.94
N PRO B 301 -1.69 -2.04 -4.56
CA PRO B 301 -0.31 -1.67 -4.20
C PRO B 301 0.10 -0.19 -4.30
N GLU B 302 -0.56 0.58 -5.16
CA GLU B 302 -0.22 1.99 -5.36
C GLU B 302 -0.75 2.94 -4.27
N VAL B 303 -1.86 2.57 -3.60
CA VAL B 303 -2.47 3.39 -2.55
C VAL B 303 -1.66 3.39 -1.23
N ILE B 304 -2.09 4.23 -0.27
CA ILE B 304 -1.50 4.36 1.06
C ILE B 304 -2.60 3.86 2.01
N THR B 305 -2.45 2.61 2.46
CA THR B 305 -3.38 1.92 3.36
C THR B 305 -3.04 2.26 4.81
N VAL B 306 -4.01 2.83 5.54
CA VAL B 306 -3.79 3.26 6.92
C VAL B 306 -4.62 2.48 7.96
N GLY B 307 -3.91 1.95 8.96
CA GLY B 307 -4.51 1.24 10.09
C GLY B 307 -4.76 2.23 11.21
N ALA B 308 -5.53 1.84 12.23
CA ALA B 308 -5.83 2.77 13.33
C ALA B 308 -5.19 2.41 14.67
N THR B 309 -4.74 3.46 15.43
CA THR B 309 -4.14 3.35 16.77
C THR B 309 -4.78 4.33 17.76
N ASN B 310 -4.71 4.03 19.06
CA ASN B 310 -5.29 4.88 20.12
C ASN B 310 -4.22 5.75 20.80
N ALA B 311 -4.60 6.46 21.90
CA ALA B 311 -3.71 7.33 22.67
C ALA B 311 -2.53 6.59 23.30
N GLN B 312 -2.68 5.29 23.57
CA GLN B 312 -1.62 4.47 24.16
C GLN B 312 -0.78 3.82 23.04
N ASP B 313 -0.97 4.30 21.78
CA ASP B 313 -0.33 3.83 20.54
C ASP B 313 -0.65 2.34 20.28
N GLN B 314 -1.78 1.86 20.81
CA GLN B 314 -2.25 0.48 20.69
C GLN B 314 -3.25 0.33 19.54
N PRO B 315 -3.34 -0.85 18.90
CA PRO B 315 -4.33 -1.04 17.81
C PRO B 315 -5.78 -0.94 18.31
N VAL B 316 -6.60 -0.11 17.63
CA VAL B 316 -8.00 0.16 17.97
C VAL B 316 -8.87 -1.11 17.90
N THR B 317 -9.70 -1.29 18.94
CA THR B 317 -10.65 -2.40 19.08
C THR B 317 -12.08 -1.83 18.95
N LEU B 318 -12.65 -1.94 17.74
CA LEU B 318 -14.00 -1.46 17.43
C LEU B 318 -15.02 -2.51 17.88
N GLY B 319 -15.25 -2.58 19.20
CA GLY B 319 -16.16 -3.52 19.83
C GLY B 319 -15.62 -4.94 19.77
N THR B 320 -16.28 -5.80 18.96
CA THR B 320 -15.85 -7.19 18.78
C THR B 320 -14.68 -7.25 17.81
N LEU B 321 -14.72 -6.41 16.75
CA LEU B 321 -13.67 -6.34 15.74
C LEU B 321 -12.64 -5.22 16.07
N GLY B 322 -11.97 -4.71 15.04
CA GLY B 322 -10.96 -3.66 15.19
C GLY B 322 -10.18 -3.43 13.92
N THR B 323 -9.08 -2.67 14.01
CA THR B 323 -8.23 -2.33 12.87
C THR B 323 -7.63 -3.55 12.12
N ASN B 324 -7.46 -3.38 10.80
CA ASN B 324 -6.86 -4.39 9.93
C ASN B 324 -5.33 -4.27 10.03
N PHE B 325 -4.61 -5.32 9.61
CA PHE B 325 -3.15 -5.39 9.68
C PHE B 325 -2.52 -6.09 8.46
N GLY B 326 -1.20 -6.31 8.55
CA GLY B 326 -0.43 -6.98 7.52
C GLY B 326 0.43 -6.12 6.63
N ARG B 327 1.07 -6.78 5.64
CA ARG B 327 1.98 -6.21 4.65
C ARG B 327 1.34 -5.14 3.75
N CYS B 328 0.00 -5.15 3.63
CA CYS B 328 -0.69 -4.16 2.80
C CYS B 328 -0.86 -2.82 3.51
N VAL B 329 -0.78 -2.80 4.85
CA VAL B 329 -0.87 -1.59 5.67
C VAL B 329 0.50 -0.89 5.54
N ASP B 330 0.49 0.41 5.21
CA ASP B 330 1.72 1.19 5.06
C ASP B 330 2.21 1.67 6.40
N LEU B 331 1.28 2.19 7.22
CA LEU B 331 1.51 2.75 8.54
C LEU B 331 0.17 2.88 9.28
N PHE B 332 0.23 3.32 10.53
CA PHE B 332 -0.92 3.55 11.39
C PHE B 332 -1.01 5.06 11.66
N ALA B 333 -2.16 5.50 12.15
CA ALA B 333 -2.41 6.90 12.47
C ALA B 333 -3.51 6.95 13.54
N PRO B 334 -3.62 8.04 14.36
CA PRO B 334 -4.69 8.10 15.37
C PRO B 334 -6.06 7.79 14.79
N GLY B 335 -6.75 6.81 15.39
CA GLY B 335 -8.07 6.38 14.93
C GLY B 335 -9.07 5.99 15.99
N GLU B 336 -8.90 6.50 17.23
CA GLU B 336 -9.80 6.26 18.37
C GLU B 336 -9.99 7.56 19.13
N ASP B 337 -11.25 7.90 19.49
CA ASP B 337 -11.58 9.12 20.23
C ASP B 337 -11.13 10.38 19.44
N ILE B 338 -11.38 10.38 18.12
CA ILE B 338 -11.01 11.46 17.21
C ILE B 338 -12.15 12.47 17.15
N ILE B 339 -11.92 13.69 17.65
CA ILE B 339 -12.93 14.75 17.65
C ILE B 339 -12.94 15.45 16.30
N GLY B 340 -14.14 15.67 15.78
CA GLY B 340 -14.37 16.34 14.51
C GLY B 340 -15.78 16.85 14.39
N ALA B 341 -16.06 17.56 13.30
CA ALA B 341 -17.36 18.16 12.97
C ALA B 341 -18.53 17.16 13.06
N SER B 342 -19.65 17.56 13.68
CA SER B 342 -20.83 16.70 13.82
C SER B 342 -21.96 17.22 12.94
N SER B 343 -22.60 16.33 12.17
CA SER B 343 -23.71 16.66 11.26
C SER B 343 -25.01 17.12 11.98
N ASP B 344 -25.10 16.90 13.32
CA ASP B 344 -26.25 17.26 14.14
C ASP B 344 -26.54 18.77 14.10
N CYS B 345 -25.47 19.61 14.16
CA CYS B 345 -25.56 21.07 14.08
C CYS B 345 -24.25 21.69 13.55
N SER B 346 -24.35 22.85 12.88
CA SER B 346 -23.26 23.61 12.26
C SER B 346 -22.05 23.92 13.17
N THR B 347 -22.20 23.86 14.50
CA THR B 347 -21.11 24.13 15.45
C THR B 347 -20.76 22.94 16.34
N CYS B 348 -21.64 21.92 16.38
CA CYS B 348 -21.55 20.68 17.17
C CYS B 348 -20.29 19.84 16.86
N PHE B 349 -19.85 19.02 17.83
CA PHE B 349 -18.67 18.17 17.67
C PHE B 349 -18.92 16.75 18.15
N VAL B 350 -18.37 15.76 17.44
CA VAL B 350 -18.52 14.36 17.81
C VAL B 350 -17.18 13.63 17.75
N SER B 351 -17.01 12.63 18.61
CA SER B 351 -15.80 11.82 18.70
C SER B 351 -16.07 10.50 17.97
N GLN B 352 -15.22 10.16 16.99
CA GLN B 352 -15.39 8.95 16.20
C GLN B 352 -14.12 8.10 16.12
N SER B 353 -14.28 6.78 15.93
CA SER B 353 -13.20 5.80 15.82
C SER B 353 -13.30 4.99 14.52
N GLY B 354 -12.15 4.53 14.02
CA GLY B 354 -12.08 3.74 12.80
C GLY B 354 -10.88 4.06 11.92
N THR B 355 -10.63 3.17 10.93
CA THR B 355 -9.53 3.31 9.98
C THR B 355 -9.77 4.47 9.01
N SER B 356 -11.02 4.97 8.94
CA SER B 356 -11.43 6.13 8.13
C SER B 356 -10.80 7.36 8.75
N GLN B 357 -10.93 7.50 10.09
CA GLN B 357 -10.37 8.61 10.88
C GLN B 357 -8.84 8.60 10.73
N ALA B 358 -8.22 7.40 10.83
CA ALA B 358 -6.78 7.16 10.70
C ALA B 358 -6.30 7.62 9.30
N ALA B 359 -6.99 7.19 8.23
CA ALA B 359 -6.69 7.54 6.84
C ALA B 359 -6.80 9.05 6.59
N ALA B 360 -7.76 9.70 7.28
CA ALA B 360 -8.01 11.15 7.20
C ALA B 360 -6.83 11.96 7.71
N HIS B 361 -6.10 11.43 8.72
CA HIS B 361 -4.91 12.08 9.28
C HIS B 361 -3.79 12.08 8.24
N VAL B 362 -3.54 10.90 7.61
CA VAL B 362 -2.53 10.68 6.58
C VAL B 362 -2.84 11.50 5.31
N ALA B 363 -4.13 11.63 4.94
CA ALA B 363 -4.56 12.44 3.79
C ALA B 363 -4.20 13.90 4.05
N GLY B 364 -4.38 14.35 5.30
CA GLY B 364 -4.07 15.70 5.77
C GLY B 364 -2.58 15.92 5.85
N ILE B 365 -1.81 14.92 6.35
CA ILE B 365 -0.34 14.94 6.48
C ILE B 365 0.28 15.03 5.08
N ALA B 366 -0.22 14.21 4.13
CA ALA B 366 0.24 14.17 2.74
C ALA B 366 -0.06 15.49 2.02
N ALA B 367 -1.21 16.13 2.31
CA ALA B 367 -1.61 17.40 1.70
C ALA B 367 -0.66 18.52 2.10
N MET B 368 -0.12 18.47 3.32
CA MET B 368 0.82 19.43 3.85
C MET B 368 2.23 19.14 3.35
N MET B 369 2.61 17.84 3.27
CA MET B 369 3.91 17.39 2.77
C MET B 369 4.04 17.83 1.30
N LEU B 370 2.95 17.67 0.52
CA LEU B 370 2.88 18.05 -0.89
C LEU B 370 2.77 19.58 -1.03
N SER B 371 2.31 20.28 0.03
CA SER B 371 2.23 21.74 0.03
C SER B 371 3.66 22.30 0.16
N ALA B 372 4.49 21.65 0.98
CA ALA B 372 5.89 22.01 1.22
C ALA B 372 6.75 21.63 0.02
N GLU B 373 6.61 20.37 -0.47
CA GLU B 373 7.36 19.86 -1.63
C GLU B 373 6.40 19.41 -2.75
N PRO B 374 5.95 20.35 -3.61
CA PRO B 374 5.00 20.00 -4.69
C PRO B 374 5.51 19.04 -5.78
N GLU B 375 6.84 18.89 -5.91
CA GLU B 375 7.48 18.01 -6.90
C GLU B 375 7.52 16.54 -6.48
N LEU B 376 7.13 16.22 -5.22
CA LEU B 376 7.14 14.85 -4.70
C LEU B 376 6.37 13.86 -5.54
N THR B 377 6.99 12.71 -5.83
CA THR B 377 6.34 11.63 -6.57
C THR B 377 5.66 10.74 -5.52
N LEU B 378 4.84 9.77 -5.95
CA LEU B 378 4.14 8.86 -5.05
C LEU B 378 5.13 8.03 -4.20
N ALA B 379 6.25 7.59 -4.80
CA ALA B 379 7.28 6.82 -4.11
C ALA B 379 7.97 7.70 -3.08
N GLU B 380 8.22 8.99 -3.44
CA GLU B 380 8.85 9.97 -2.57
C GLU B 380 8.03 10.27 -1.32
N LEU B 381 6.73 10.59 -1.50
CA LEU B 381 5.79 10.87 -0.41
C LEU B 381 5.66 9.66 0.54
N ARG B 382 5.50 8.43 -0.03
CA ARG B 382 5.38 7.19 0.76
C ARG B 382 6.62 7.00 1.65
N GLN B 383 7.82 7.24 1.09
CA GLN B 383 9.08 7.12 1.82
C GLN B 383 9.18 8.16 2.93
N ARG B 384 8.69 9.40 2.68
CA ARG B 384 8.69 10.49 3.65
C ARG B 384 7.81 10.15 4.85
N LEU B 385 6.56 9.67 4.59
CA LEU B 385 5.57 9.25 5.60
C LEU B 385 6.15 8.20 6.54
N ILE B 386 6.86 7.17 5.99
CA ILE B 386 7.51 6.08 6.73
C ILE B 386 8.68 6.62 7.58
N HIS B 387 9.55 7.43 6.95
CA HIS B 387 10.72 8.03 7.59
C HIS B 387 10.38 8.98 8.74
N PHE B 388 9.29 9.77 8.61
CA PHE B 388 8.92 10.73 9.64
C PHE B 388 7.94 10.17 10.69
N SER B 389 7.52 8.92 10.52
CA SER B 389 6.62 8.22 11.44
C SER B 389 7.36 7.85 12.71
N ALA B 390 6.62 7.63 13.81
CA ALA B 390 7.22 7.20 15.08
C ALA B 390 7.46 5.68 14.96
N LYS B 391 8.61 5.20 15.47
CA LYS B 391 8.99 3.79 15.40
C LYS B 391 8.86 3.03 16.71
N ASP B 392 8.55 1.71 16.60
CA ASP B 392 8.42 0.72 17.67
C ASP B 392 7.61 1.19 18.91
N VAL B 393 6.46 1.81 18.66
CA VAL B 393 5.56 2.32 19.69
C VAL B 393 4.35 1.40 19.88
N ILE B 394 3.93 0.69 18.81
CA ILE B 394 2.79 -0.22 18.84
C ILE B 394 3.19 -1.55 19.45
N ASN B 395 2.39 -2.05 20.41
CA ASN B 395 2.61 -3.33 21.04
C ASN B 395 2.05 -4.37 20.07
N GLU B 396 2.94 -5.16 19.45
CA GLU B 396 2.60 -6.18 18.45
C GLU B 396 1.70 -7.31 18.98
N ALA B 397 1.60 -7.46 20.32
CA ALA B 397 0.80 -8.47 21.04
C ALA B 397 -0.65 -8.63 20.56
N TRP B 398 -1.33 -7.51 20.26
CA TRP B 398 -2.72 -7.46 19.80
C TRP B 398 -2.93 -8.18 18.45
N PHE B 399 -1.90 -8.19 17.58
CA PHE B 399 -1.96 -8.82 16.26
C PHE B 399 -1.61 -10.31 16.28
N PRO B 400 -2.17 -11.14 15.36
CA PRO B 400 -1.77 -12.56 15.31
C PRO B 400 -0.26 -12.72 15.07
N GLU B 401 0.35 -13.72 15.73
CA GLU B 401 1.78 -14.06 15.72
C GLU B 401 2.49 -13.85 14.38
N ASP B 402 1.98 -14.48 13.30
CA ASP B 402 2.52 -14.43 11.94
C ASP B 402 2.38 -13.05 11.28
N GLN B 403 1.40 -12.25 11.73
CA GLN B 403 1.13 -10.90 11.21
C GLN B 403 1.93 -9.81 11.91
N ARG B 404 2.43 -10.08 13.12
CA ARG B 404 3.23 -9.14 13.96
C ARG B 404 4.44 -8.57 13.24
N VAL B 405 5.14 -9.41 12.46
CA VAL B 405 6.34 -9.05 11.72
C VAL B 405 6.01 -8.28 10.42
N LEU B 406 5.01 -8.77 9.64
CA LEU B 406 4.55 -8.20 8.37
C LEU B 406 3.99 -6.79 8.57
N THR B 407 3.24 -6.58 9.68
CA THR B 407 2.61 -5.32 10.06
C THR B 407 3.67 -4.28 10.43
N PRO B 408 3.64 -3.08 9.81
CA PRO B 408 4.65 -2.07 10.14
C PRO B 408 4.38 -1.31 11.43
N ASN B 409 5.37 -1.26 12.31
CA ASN B 409 5.28 -0.53 13.56
C ASN B 409 5.63 0.93 13.28
N LEU B 410 4.66 1.65 12.69
CA LEU B 410 4.81 3.04 12.32
C LEU B 410 3.55 3.83 12.64
N VAL B 411 3.70 4.98 13.29
CA VAL B 411 2.58 5.85 13.62
C VAL B 411 2.86 7.17 12.92
N ALA B 412 1.97 7.56 12.00
CA ALA B 412 2.02 8.78 11.20
C ALA B 412 2.31 10.03 12.00
N ALA B 413 3.13 10.91 11.42
CA ALA B 413 3.54 12.18 11.98
C ALA B 413 3.97 13.13 10.88
N LEU B 414 3.72 14.43 11.09
CA LEU B 414 4.11 15.51 10.19
C LEU B 414 5.64 15.63 10.23
N PRO B 415 6.30 16.05 9.12
CA PRO B 415 7.77 16.16 9.17
C PRO B 415 8.28 17.33 10.02
N PRO B 416 9.48 17.22 10.63
CA PRO B 416 10.00 18.35 11.42
C PRO B 416 10.46 19.53 10.56
N SER B 417 10.88 20.62 11.21
CA SER B 417 11.37 21.86 10.58
C SER B 417 12.60 21.66 9.70
N THR B 418 13.58 20.84 10.16
CA THR B 418 14.85 20.55 9.48
C THR B 418 14.63 20.00 8.04
N HIS B 419 13.96 18.85 7.88
CA HIS B 419 13.69 18.25 6.57
C HIS B 419 12.37 17.51 6.51
N GLY B 422 20.69 18.62 3.20
CA GLY B 422 20.29 18.42 1.81
C GLY B 422 19.57 17.11 1.59
N TRP B 423 19.99 16.36 0.55
CA TRP B 423 19.41 15.07 0.18
C TRP B 423 19.82 13.96 1.16
N GLN B 424 18.86 13.10 1.54
CA GLN B 424 19.02 11.97 2.45
C GLN B 424 18.58 10.68 1.75
N LEU B 425 19.11 9.52 2.20
CA LEU B 425 18.77 8.22 1.64
C LEU B 425 17.57 7.61 2.37
N PHE B 426 16.48 7.38 1.62
CA PHE B 426 15.24 6.81 2.14
C PHE B 426 15.11 5.37 1.72
N CYS B 427 14.81 4.46 2.67
CA CYS B 427 14.63 3.03 2.45
C CYS B 427 13.42 2.53 3.20
N ARG B 428 12.73 1.56 2.62
CA ARG B 428 11.55 0.92 3.20
C ARG B 428 11.62 -0.60 2.98
N THR B 429 10.98 -1.37 3.87
CA THR B 429 10.93 -2.83 3.82
C THR B 429 9.62 -3.31 3.19
N VAL B 430 9.71 -4.05 2.08
CA VAL B 430 8.54 -4.60 1.39
C VAL B 430 8.51 -6.12 1.58
N TRP B 431 7.34 -6.65 1.95
CA TRP B 431 7.13 -8.07 2.16
C TRP B 431 6.22 -8.59 1.06
N SER B 432 6.62 -9.70 0.43
CA SER B 432 5.85 -10.32 -0.64
C SER B 432 4.70 -11.15 -0.07
N ALA B 433 3.79 -11.60 -0.96
CA ALA B 433 2.67 -12.46 -0.62
C ALA B 433 3.27 -13.84 -0.34
N HIS B 434 2.74 -14.55 0.67
CA HIS B 434 3.19 -15.89 1.06
C HIS B 434 3.14 -16.81 -0.18
N SER B 435 4.28 -17.43 -0.53
CA SER B 435 4.46 -18.31 -1.69
C SER B 435 3.50 -19.49 -1.74
N GLY B 436 3.30 -20.16 -0.60
CA GLY B 436 2.43 -21.32 -0.48
C GLY B 436 3.16 -22.64 -0.41
N PRO B 437 2.48 -23.78 -0.70
CA PRO B 437 3.17 -25.08 -0.61
C PRO B 437 3.79 -25.57 -1.93
N THR B 438 3.87 -24.68 -2.93
CA THR B 438 4.47 -24.99 -4.24
C THR B 438 5.97 -24.64 -4.20
N ARG B 439 6.80 -25.56 -4.73
CA ARG B 439 8.26 -25.38 -4.79
C ARG B 439 8.63 -24.53 -6.01
N MET B 440 7.88 -24.71 -7.13
CA MET B 440 8.07 -23.99 -8.38
C MET B 440 7.61 -22.53 -8.24
N ALA B 441 6.39 -22.31 -7.69
CA ALA B 441 5.84 -20.97 -7.45
C ALA B 441 6.59 -20.35 -6.27
N THR B 442 7.29 -19.24 -6.54
CA THR B 442 8.10 -18.55 -5.55
C THR B 442 7.58 -17.17 -5.19
N ALA B 443 7.84 -16.73 -3.94
CA ALA B 443 7.45 -15.44 -3.39
C ALA B 443 8.27 -14.34 -4.07
N ILE B 444 7.59 -13.28 -4.57
CA ILE B 444 8.23 -12.17 -5.30
C ILE B 444 7.91 -10.80 -4.67
N ALA B 445 8.94 -10.10 -4.16
CA ALA B 445 8.82 -8.77 -3.57
C ALA B 445 9.34 -7.76 -4.58
N ARG B 446 8.50 -6.76 -4.92
CA ARG B 446 8.85 -5.73 -5.89
C ARG B 446 8.95 -4.35 -5.27
N CYS B 447 9.55 -3.40 -5.99
CA CYS B 447 9.70 -2.00 -5.59
C CYS B 447 8.88 -1.15 -6.55
N ALA B 448 8.84 0.17 -6.31
CA ALA B 448 8.13 1.12 -7.16
C ALA B 448 8.98 1.39 -8.41
N PRO B 449 8.40 1.83 -9.57
CA PRO B 449 9.24 2.08 -10.77
C PRO B 449 10.37 3.08 -10.57
N ASP B 450 10.17 4.08 -9.69
CA ASP B 450 11.19 5.09 -9.40
C ASP B 450 12.00 4.73 -8.13
N GLU B 451 11.82 3.49 -7.63
CA GLU B 451 12.51 2.94 -6.46
C GLU B 451 13.50 1.86 -6.88
N GLU B 452 14.66 1.83 -6.22
CA GLU B 452 15.73 0.86 -6.47
C GLU B 452 15.74 -0.23 -5.40
N LEU B 453 15.90 -1.49 -5.81
CA LEU B 453 15.99 -2.61 -4.89
C LEU B 453 17.46 -2.72 -4.50
N LEU B 454 17.77 -2.51 -3.19
CA LEU B 454 19.16 -2.55 -2.72
C LEU B 454 19.55 -3.85 -2.03
N SER B 455 18.56 -4.64 -1.57
CA SER B 455 18.79 -5.95 -0.92
C SER B 455 17.57 -6.85 -0.97
N CYS B 456 17.80 -8.15 -0.70
CA CYS B 456 16.78 -9.19 -0.71
C CYS B 456 17.10 -10.24 0.33
N SER B 457 16.09 -10.62 1.12
CA SER B 457 16.17 -11.65 2.15
C SER B 457 14.91 -12.54 2.12
N SER B 458 14.93 -13.66 2.87
CA SER B 458 13.81 -14.60 2.92
C SER B 458 13.51 -15.08 4.34
N PHE B 459 12.25 -15.44 4.59
CA PHE B 459 11.80 -15.93 5.90
C PHE B 459 10.80 -17.07 5.81
N SER B 460 10.89 -17.98 6.79
CA SER B 460 10.06 -19.16 6.99
C SER B 460 10.03 -19.41 8.50
N ARG B 461 8.81 -19.54 9.09
CA ARG B 461 8.64 -19.79 10.53
C ARG B 461 9.14 -21.19 10.95
N SER B 462 9.37 -22.07 9.96
CA SER B 462 9.87 -23.43 10.13
C SER B 462 11.37 -23.50 9.76
N GLY B 463 11.82 -22.56 8.93
CA GLY B 463 13.20 -22.47 8.47
C GLY B 463 13.51 -23.37 7.29
N LYS B 464 12.46 -23.91 6.63
CA LYS B 464 12.59 -24.80 5.47
C LYS B 464 12.47 -23.97 4.18
N ARG B 465 13.62 -23.45 3.72
CA ARG B 465 13.73 -22.60 2.53
C ARG B 465 14.95 -22.92 1.67
N ARG B 466 14.92 -22.49 0.40
CA ARG B 466 16.02 -22.65 -0.55
C ARG B 466 16.64 -21.29 -0.88
N GLY B 467 16.71 -20.41 0.13
CA GLY B 467 17.28 -19.07 0.03
C GLY B 467 16.51 -18.04 -0.77
N GLU B 468 17.22 -16.99 -1.23
CA GLU B 468 16.68 -15.88 -2.01
C GLU B 468 17.60 -15.41 -3.16
N ARG B 469 17.02 -14.75 -4.18
CA ARG B 469 17.73 -14.23 -5.36
C ARG B 469 17.25 -12.83 -5.80
N MET B 470 18.20 -12.00 -6.31
CA MET B 470 17.96 -10.65 -6.83
C MET B 470 17.95 -10.70 -8.37
N GLU B 471 16.92 -11.34 -8.94
CA GLU B 471 16.76 -11.51 -10.40
C GLU B 471 16.15 -10.28 -11.09
N ALA B 472 16.71 -9.91 -12.27
CA ALA B 472 16.25 -8.78 -13.07
C ALA B 472 15.01 -9.18 -13.88
N GLN B 473 14.01 -8.28 -13.96
CA GLN B 473 12.75 -8.52 -14.68
C GLN B 473 12.22 -7.23 -15.31
N GLY B 474 12.23 -7.20 -16.65
CA GLY B 474 11.75 -6.07 -17.45
C GLY B 474 12.53 -4.77 -17.28
N GLY B 475 13.82 -4.89 -16.98
CA GLY B 475 14.70 -3.74 -16.78
C GLY B 475 14.85 -3.28 -15.34
N LYS B 476 14.06 -3.87 -14.42
CA LYS B 476 14.07 -3.56 -12.99
C LYS B 476 14.25 -4.83 -12.15
N LEU B 477 14.94 -4.69 -11.01
CA LEU B 477 15.25 -5.81 -10.11
C LEU B 477 14.12 -6.19 -9.16
N VAL B 478 13.93 -7.51 -8.98
CA VAL B 478 12.92 -8.09 -8.08
C VAL B 478 13.60 -9.02 -7.06
N CYS B 479 12.95 -9.27 -5.92
CA CYS B 479 13.46 -10.14 -4.86
C CYS B 479 12.62 -11.43 -4.83
N ARG B 480 13.24 -12.57 -5.17
CA ARG B 480 12.57 -13.88 -5.23
C ARG B 480 13.03 -14.82 -4.12
N ALA B 481 12.08 -15.45 -3.42
CA ALA B 481 12.38 -16.39 -2.32
C ALA B 481 11.94 -17.80 -2.68
N HIS B 482 12.84 -18.78 -2.48
CA HIS B 482 12.61 -20.20 -2.79
C HIS B 482 12.27 -21.03 -1.55
N ASN B 483 11.38 -22.01 -1.73
CA ASN B 483 10.90 -22.91 -0.68
C ASN B 483 11.51 -24.33 -0.81
N ALA B 484 11.78 -24.97 0.33
CA ALA B 484 12.36 -26.32 0.43
C ALA B 484 11.27 -27.38 0.72
N PHE B 485 11.64 -28.69 0.69
CA PHE B 485 10.73 -29.81 0.95
C PHE B 485 10.27 -29.83 2.41
N GLY B 486 8.96 -29.90 2.62
CA GLY B 486 8.35 -29.93 3.95
C GLY B 486 7.97 -28.56 4.51
N GLY B 487 8.38 -27.50 3.81
CA GLY B 487 8.12 -26.13 4.20
C GLY B 487 6.78 -25.62 3.70
N GLU B 488 5.99 -25.04 4.63
CA GLU B 488 4.66 -24.46 4.41
C GLU B 488 4.64 -23.30 3.41
N GLY B 489 5.78 -22.60 3.29
CA GLY B 489 5.95 -21.46 2.40
C GLY B 489 7.01 -20.50 2.89
N VAL B 490 7.34 -19.53 2.03
CA VAL B 490 8.36 -18.52 2.31
C VAL B 490 7.93 -17.10 1.94
N TYR B 491 8.60 -16.11 2.55
CA TYR B 491 8.39 -14.68 2.30
C TYR B 491 9.62 -14.11 1.60
N ALA B 492 9.41 -13.18 0.66
CA ALA B 492 10.50 -12.49 -0.02
C ALA B 492 10.48 -11.07 0.55
N ILE B 493 11.54 -10.72 1.28
CA ILE B 493 11.66 -9.41 1.94
C ILE B 493 12.68 -8.56 1.18
N ALA B 494 12.23 -7.43 0.64
CA ALA B 494 13.09 -6.52 -0.11
C ALA B 494 13.23 -5.16 0.55
N ARG B 495 14.34 -4.50 0.27
CA ARG B 495 14.63 -3.17 0.78
C ARG B 495 14.57 -2.27 -0.42
N CYS B 496 13.53 -1.43 -0.50
CA CYS B 496 13.32 -0.51 -1.59
C CYS B 496 13.75 0.88 -1.18
N CYS B 497 14.67 1.47 -1.95
CA CYS B 497 15.24 2.78 -1.67
C CYS B 497 15.11 3.78 -2.79
N LEU B 498 15.13 5.08 -2.44
CA LEU B 498 15.08 6.18 -3.39
C LEU B 498 16.52 6.60 -3.60
N LEU B 499 17.12 6.17 -4.72
CA LEU B 499 18.51 6.47 -5.01
C LEU B 499 18.70 7.12 -6.40
N PRO B 500 18.41 8.44 -6.55
CA PRO B 500 18.60 9.08 -7.86
C PRO B 500 20.06 9.46 -8.10
N GLN B 501 20.44 9.60 -9.39
CA GLN B 501 21.80 9.92 -9.87
C GLN B 501 22.82 8.86 -9.43
N ALA B 502 22.39 7.57 -9.45
CA ALA B 502 23.19 6.40 -9.10
C ALA B 502 22.80 5.19 -9.95
N ASN B 503 23.81 4.42 -10.40
CA ASN B 503 23.62 3.23 -11.24
C ASN B 503 23.84 1.95 -10.44
N CYS B 504 22.79 1.12 -10.32
CA CYS B 504 22.83 -0.14 -9.57
C CYS B 504 22.78 -1.39 -10.45
N SER B 505 23.55 -2.42 -10.09
CA SER B 505 23.66 -3.69 -10.80
C SER B 505 23.78 -4.89 -9.85
N VAL B 506 23.51 -6.11 -10.36
CA VAL B 506 23.58 -7.36 -9.60
C VAL B 506 24.75 -8.23 -10.09
N HIS B 507 25.61 -8.64 -9.14
CA HIS B 507 26.78 -9.48 -9.38
C HIS B 507 26.47 -10.88 -8.83
N THR B 508 26.26 -11.86 -9.73
CA THR B 508 25.92 -13.25 -9.38
C THR B 508 27.10 -14.22 -9.56
N ALA B 509 27.17 -15.23 -8.67
CA ALA B 509 28.19 -16.28 -8.69
C ALA B 509 27.57 -17.64 -8.30
N PRO B 510 27.73 -18.70 -9.15
CA PRO B 510 27.14 -20.00 -8.82
C PRO B 510 27.99 -20.76 -7.78
N PRO B 511 27.52 -21.89 -7.19
CA PRO B 511 28.33 -22.59 -6.19
C PRO B 511 29.72 -23.02 -6.64
N ALA B 512 30.73 -22.61 -5.87
CA ALA B 512 32.14 -22.91 -6.13
C ALA B 512 32.46 -24.35 -5.75
N GLU B 513 31.67 -24.92 -4.80
CA GLU B 513 31.76 -26.29 -4.26
C GLU B 513 33.06 -26.55 -3.47
N ALA B 514 33.86 -25.49 -3.22
CA ALA B 514 35.12 -25.57 -2.50
C ALA B 514 35.03 -25.05 -1.05
N SER B 515 36.07 -25.36 -0.24
CA SER B 515 36.20 -25.00 1.18
C SER B 515 36.09 -23.49 1.48
N MET B 516 36.51 -22.64 0.53
CA MET B 516 36.48 -21.17 0.65
C MET B 516 35.07 -20.58 0.79
N GLY B 517 34.09 -21.22 0.15
CA GLY B 517 32.70 -20.78 0.16
C GLY B 517 32.42 -19.87 -1.02
N THR B 518 31.15 -19.83 -1.48
CA THR B 518 30.72 -19.01 -2.62
C THR B 518 30.87 -17.52 -2.33
N ARG B 519 31.71 -16.85 -3.15
CA ARG B 519 32.01 -15.42 -3.01
C ARG B 519 31.87 -14.64 -4.31
N VAL B 520 31.51 -13.37 -4.18
CA VAL B 520 31.34 -12.37 -5.25
C VAL B 520 31.57 -10.98 -4.63
N HIS B 521 32.16 -10.05 -5.40
CA HIS B 521 32.44 -8.71 -4.89
C HIS B 521 32.24 -7.58 -5.92
N CYS B 522 32.06 -6.34 -5.42
CA CYS B 522 31.93 -5.13 -6.24
C CYS B 522 33.35 -4.73 -6.58
N HIS B 523 33.83 -5.16 -7.77
CA HIS B 523 35.20 -4.93 -8.22
C HIS B 523 35.55 -3.47 -8.56
N GLN B 524 34.69 -2.78 -9.33
CA GLN B 524 34.91 -1.40 -9.77
C GLN B 524 34.93 -0.37 -8.63
N GLN B 525 35.73 0.70 -8.81
CA GLN B 525 35.88 1.81 -7.87
C GLN B 525 34.69 2.78 -7.97
N GLY B 526 34.34 3.37 -6.83
CA GLY B 526 33.20 4.29 -6.73
C GLY B 526 31.89 3.55 -6.52
N HIS B 527 31.97 2.20 -6.42
CA HIS B 527 30.85 1.31 -6.22
C HIS B 527 30.78 0.82 -4.78
N VAL B 528 29.57 0.78 -4.22
CA VAL B 528 29.32 0.34 -2.85
C VAL B 528 28.39 -0.86 -2.78
N LEU B 529 28.66 -1.78 -1.85
CA LEU B 529 27.84 -2.97 -1.66
C LEU B 529 26.62 -2.55 -0.84
N THR B 530 25.42 -2.89 -1.33
CA THR B 530 24.18 -2.52 -0.65
C THR B 530 23.45 -3.73 -0.06
N GLY B 531 23.64 -4.91 -0.64
CA GLY B 531 22.97 -6.12 -0.15
C GLY B 531 23.51 -7.43 -0.67
N CYS B 532 23.35 -8.50 0.14
CA CYS B 532 23.79 -9.86 -0.17
C CYS B 532 22.61 -10.83 -0.13
N SER B 533 22.45 -11.63 -1.18
CA SER B 533 21.41 -12.65 -1.32
C SER B 533 22.03 -14.00 -1.60
N SER B 534 21.41 -15.08 -1.09
CA SER B 534 21.94 -16.44 -1.29
C SER B 534 20.85 -17.48 -1.44
N HIS B 535 20.86 -18.24 -2.56
CA HIS B 535 19.90 -19.30 -2.86
C HIS B 535 20.60 -20.61 -3.24
N TRP B 536 20.07 -21.74 -2.78
CA TRP B 536 20.65 -23.05 -3.08
C TRP B 536 19.64 -24.00 -3.71
N GLU B 537 20.04 -24.61 -4.85
CA GLU B 537 19.22 -25.57 -5.59
C GLU B 537 19.27 -26.94 -4.93
N VAL B 538 20.26 -27.17 -4.03
CA VAL B 538 20.45 -28.41 -3.27
C VAL B 538 19.26 -28.62 -2.31
N GLU B 539 18.87 -29.90 -2.07
CA GLU B 539 17.77 -30.26 -1.18
C GLU B 539 18.08 -29.93 0.29
N ASP B 540 19.29 -30.28 0.76
CA ASP B 540 19.75 -30.03 2.12
C ASP B 540 21.27 -29.81 2.15
N LEU B 541 21.74 -28.95 3.07
CA LEU B 541 23.14 -28.60 3.26
C LEU B 541 23.96 -29.76 3.85
N GLN B 554 34.79 -9.27 4.53
CA GLN B 554 35.60 -8.31 3.78
C GLN B 554 34.73 -7.20 3.18
N PRO B 555 35.20 -5.93 3.12
CA PRO B 555 34.38 -4.85 2.53
C PRO B 555 34.05 -5.07 1.05
N ASN B 556 32.81 -4.69 0.65
CA ASN B 556 32.22 -4.80 -0.69
C ASN B 556 32.21 -6.24 -1.24
N GLN B 557 32.18 -7.26 -0.34
CA GLN B 557 32.14 -8.68 -0.70
C GLN B 557 31.00 -9.44 -0.01
N CYS B 558 30.31 -10.31 -0.77
CA CYS B 558 29.21 -11.16 -0.27
C CYS B 558 29.74 -12.59 -0.15
N VAL B 559 29.60 -13.18 1.05
CA VAL B 559 30.06 -14.55 1.31
C VAL B 559 28.85 -15.44 1.61
N GLY B 560 28.81 -16.61 0.97
CA GLY B 560 27.74 -17.59 1.14
C GLY B 560 28.22 -19.00 1.37
N HIS B 561 27.28 -19.97 1.29
CA HIS B 561 27.57 -21.39 1.47
C HIS B 561 28.08 -21.98 0.15
N ARG B 562 29.05 -22.92 0.24
CA ARG B 562 29.69 -23.60 -0.89
C ARG B 562 28.73 -24.29 -1.88
N GLU B 563 27.56 -24.73 -1.40
CA GLU B 563 26.54 -25.40 -2.22
C GLU B 563 25.46 -24.42 -2.72
N ALA B 564 25.56 -23.15 -2.30
CA ALA B 564 24.61 -22.09 -2.64
C ALA B 564 25.21 -21.03 -3.57
N SER B 565 24.34 -20.34 -4.33
CA SER B 565 24.71 -19.26 -5.23
C SER B 565 24.72 -17.96 -4.41
N ILE B 566 25.51 -16.95 -4.82
CA ILE B 566 25.60 -15.69 -4.10
C ILE B 566 25.32 -14.49 -5.03
N HIS B 567 24.57 -13.49 -4.53
CA HIS B 567 24.19 -12.29 -5.26
C HIS B 567 24.56 -11.04 -4.51
N ALA B 568 25.32 -10.15 -5.18
CA ALA B 568 25.76 -8.90 -4.62
C ALA B 568 25.09 -7.74 -5.35
N SER B 569 24.66 -6.72 -4.60
CA SER B 569 24.05 -5.53 -5.17
C SER B 569 25.09 -4.44 -5.07
N CYS B 570 25.55 -3.96 -6.23
CA CYS B 570 26.56 -2.91 -6.31
C CYS B 570 25.97 -1.67 -6.95
N CYS B 571 26.20 -0.51 -6.31
CA CYS B 571 25.70 0.79 -6.78
C CYS B 571 26.81 1.80 -6.93
N HIS B 572 26.78 2.58 -8.02
CA HIS B 572 27.73 3.64 -8.25
C HIS B 572 27.08 4.94 -7.79
N ALA B 573 27.35 5.31 -6.53
CA ALA B 573 26.83 6.51 -5.89
C ALA B 573 28.01 7.24 -5.22
N PRO B 574 28.57 8.29 -5.89
CA PRO B 574 29.73 9.00 -5.33
C PRO B 574 29.49 9.76 -4.01
N GLY B 575 28.26 10.22 -3.80
CA GLY B 575 27.89 10.93 -2.58
C GLY B 575 27.24 10.02 -1.56
N LEU B 576 27.74 8.77 -1.47
CA LEU B 576 27.21 7.76 -0.55
C LEU B 576 28.31 7.02 0.20
N GLU B 577 28.17 6.95 1.53
CA GLU B 577 29.10 6.27 2.43
C GLU B 577 28.39 5.05 3.03
N CYS B 578 28.93 3.86 2.79
CA CYS B 578 28.36 2.60 3.28
C CYS B 578 29.32 1.85 4.21
N LYS B 579 28.74 1.17 5.22
CA LYS B 579 29.47 0.38 6.21
C LYS B 579 28.71 -0.90 6.55
N VAL B 580 29.45 -1.92 7.02
CA VAL B 580 28.91 -3.23 7.39
C VAL B 580 29.01 -3.39 8.90
N LYS B 581 27.87 -3.50 9.56
CA LYS B 581 27.79 -3.68 10.99
C LYS B 581 27.35 -5.13 11.24
N GLU B 582 28.08 -5.84 12.11
CA GLU B 582 27.82 -7.24 12.45
C GLU B 582 27.66 -7.48 13.94
N HIS B 583 26.83 -8.48 14.32
CA HIS B 583 26.59 -8.88 15.70
C HIS B 583 26.36 -10.38 15.78
N GLY B 584 27.16 -11.03 16.62
CA GLY B 584 27.09 -12.48 16.82
C GLY B 584 26.87 -12.88 18.26
N ILE B 585 25.96 -13.85 18.48
CA ILE B 585 25.61 -14.41 19.80
C ILE B 585 25.63 -15.95 19.76
N PRO B 586 26.03 -16.64 20.87
CA PRO B 586 26.04 -18.12 20.82
C PRO B 586 24.65 -18.73 20.93
N GLN B 589 20.05 -18.98 21.07
CA GLN B 589 19.11 -17.88 21.20
C GLN B 589 18.34 -17.64 19.91
N GLU B 590 17.02 -17.48 20.03
CA GLU B 590 16.04 -17.30 18.95
C GLU B 590 16.14 -16.03 18.10
N GLN B 591 16.68 -14.92 18.64
CA GLN B 591 16.75 -13.67 17.88
C GLN B 591 18.01 -12.84 18.10
N VAL B 592 18.71 -12.49 16.99
CA VAL B 592 19.91 -11.66 17.00
C VAL B 592 19.63 -10.37 16.22
N THR B 593 19.88 -9.21 16.85
CA THR B 593 19.65 -7.89 16.27
C THR B 593 20.91 -7.04 16.18
N VAL B 594 20.97 -6.21 15.14
CA VAL B 594 22.05 -5.27 14.87
C VAL B 594 21.43 -4.06 14.16
N ALA B 595 21.57 -2.87 14.75
CA ALA B 595 20.96 -1.67 14.21
C ALA B 595 21.92 -0.60 13.74
N CYS B 596 21.54 0.11 12.65
CA CYS B 596 22.31 1.23 12.10
C CYS B 596 22.11 2.41 13.05
N GLU B 597 23.10 3.30 13.12
CA GLU B 597 23.03 4.47 13.99
C GLU B 597 22.21 5.58 13.34
N GLU B 598 21.86 6.63 14.11
CA GLU B 598 21.09 7.78 13.66
C GLU B 598 21.80 8.50 12.52
N GLY B 599 21.06 8.76 11.45
CA GLY B 599 21.58 9.41 10.25
C GLY B 599 21.96 8.40 9.19
N TRP B 600 22.01 7.11 9.58
CA TRP B 600 22.35 6.00 8.69
C TRP B 600 21.10 5.19 8.35
N THR B 601 20.93 4.88 7.07
CA THR B 601 19.79 4.10 6.58
C THR B 601 20.24 2.68 6.25
N LEU B 602 19.54 1.69 6.79
CA LEU B 602 19.83 0.28 6.53
C LEU B 602 19.44 -0.04 5.08
N THR B 603 20.35 -0.66 4.33
CA THR B 603 20.09 -1.02 2.93
C THR B 603 20.04 -2.52 2.75
N GLY B 604 20.81 -3.25 3.56
CA GLY B 604 20.89 -4.70 3.48
C GLY B 604 20.92 -5.42 4.80
N CYS B 605 20.13 -6.49 4.90
CA CYS B 605 20.03 -7.33 6.08
C CYS B 605 20.18 -8.79 5.65
N SER B 606 21.12 -9.52 6.29
CA SER B 606 21.41 -10.91 5.99
C SER B 606 22.01 -11.63 7.21
N ALA B 607 22.04 -12.96 7.14
CA ALA B 607 22.61 -13.80 8.20
C ALA B 607 23.92 -14.40 7.69
N LEU B 608 24.95 -14.43 8.56
CA LEU B 608 26.26 -14.99 8.23
C LEU B 608 26.10 -16.54 8.17
N PRO B 609 26.52 -17.21 7.07
CA PRO B 609 26.35 -18.67 6.98
C PRO B 609 27.26 -19.47 7.93
N SER B 612 23.86 -23.15 13.19
CA SER B 612 23.99 -22.94 11.74
C SER B 612 22.64 -22.81 11.03
N HIS B 613 21.59 -23.42 11.60
CA HIS B 613 20.23 -23.38 11.02
C HIS B 613 19.53 -22.06 11.32
N VAL B 614 19.11 -21.36 10.26
CA VAL B 614 18.42 -20.06 10.37
C VAL B 614 17.05 -20.08 9.70
N LEU B 615 16.05 -19.51 10.41
CA LEU B 615 14.66 -19.37 9.97
C LEU B 615 14.58 -18.33 8.87
N GLY B 616 15.47 -17.34 8.94
CA GLY B 616 15.56 -16.25 7.97
C GLY B 616 16.01 -14.94 8.58
N ALA B 617 16.03 -13.90 7.75
CA ALA B 617 16.44 -12.54 8.15
C ALA B 617 15.51 -11.49 7.56
N TYR B 618 15.23 -10.44 8.34
CA TYR B 618 14.38 -9.33 7.92
C TYR B 618 14.76 -8.02 8.56
N ALA B 619 14.56 -6.93 7.81
CA ALA B 619 14.85 -5.57 8.26
C ALA B 619 13.61 -4.96 8.91
N VAL B 620 13.77 -4.42 10.12
CA VAL B 620 12.71 -3.73 10.87
C VAL B 620 13.28 -2.32 11.03
N ASP B 621 12.82 -1.40 10.15
CA ASP B 621 13.27 -0.01 10.06
C ASP B 621 14.78 -0.01 9.74
N ASN B 622 15.65 0.40 10.69
CA ASN B 622 17.10 0.41 10.49
C ASN B 622 17.81 -0.64 11.35
N THR B 623 17.07 -1.71 11.72
CA THR B 623 17.57 -2.84 12.52
C THR B 623 17.44 -4.13 11.71
N CYS B 624 18.51 -4.93 11.68
CA CYS B 624 18.52 -6.21 10.98
C CYS B 624 18.21 -7.30 12.00
N VAL B 625 17.18 -8.10 11.72
CA VAL B 625 16.74 -9.17 12.61
C VAL B 625 16.97 -10.53 11.96
N VAL B 626 17.65 -11.44 12.67
CA VAL B 626 17.92 -12.80 12.23
C VAL B 626 17.25 -13.74 13.23
N ARG B 627 16.47 -14.70 12.71
CA ARG B 627 15.73 -15.68 13.50
C ARG B 627 16.33 -17.08 13.40
N SER B 628 16.48 -17.73 14.56
CA SER B 628 17.02 -19.08 14.71
C SER B 628 16.26 -19.85 15.82
N ARG B 629 16.73 -21.06 16.18
CA ARG B 629 16.08 -21.89 17.20
C ARG B 629 16.62 -21.63 18.61
N ALA B 641 27.54 -20.52 15.76
CA ALA B 641 26.77 -19.41 16.31
C ALA B 641 25.90 -18.71 15.24
N VAL B 642 25.12 -17.69 15.63
CA VAL B 642 24.24 -16.92 14.74
C VAL B 642 24.74 -15.48 14.69
N THR B 643 24.95 -14.93 13.47
CA THR B 643 25.44 -13.56 13.27
C THR B 643 24.58 -12.77 12.27
N ALA B 644 24.10 -11.59 12.71
CA ALA B 644 23.30 -10.67 11.92
C ALA B 644 24.20 -9.67 11.22
N VAL B 645 24.01 -9.51 9.90
CA VAL B 645 24.80 -8.60 9.06
C VAL B 645 23.92 -7.46 8.55
N ALA B 646 24.30 -6.22 8.86
CA ALA B 646 23.59 -5.01 8.44
C ALA B 646 24.48 -4.10 7.60
N ILE B 647 23.95 -3.59 6.49
CA ILE B 647 24.67 -2.66 5.61
C ILE B 647 24.01 -1.31 5.83
N CYS B 648 24.77 -0.35 6.37
CA CYS B 648 24.28 0.99 6.68
C CYS B 648 24.88 2.01 5.73
N CYS B 649 24.01 2.79 5.07
CA CYS B 649 24.44 3.81 4.11
C CYS B 649 23.90 5.19 4.47
N ARG B 650 24.60 6.24 4.03
CA ARG B 650 24.23 7.63 4.25
C ARG B 650 24.79 8.53 3.16
N SER B 651 24.23 9.74 3.03
CA SER B 651 24.64 10.75 2.07
C SER B 651 25.84 11.52 2.65
N ARG B 652 26.94 11.62 1.88
CA ARG B 652 28.15 12.32 2.30
C ARG B 652 28.08 13.80 1.90
C4 PVV C . -0.19 -2.93 -0.73
C5 PVV C . -0.38 -4.16 -1.35
C6 PVV C . -1.38 -2.05 -0.52
N1 PVV C . 3.39 -0.72 -2.68
C7 PVV C . -1.01 -0.59 -0.38
C8 PVV C . 1.38 -1.22 0.37
N2 PVV C . 4.15 -1.16 -4.85
C9 PVV C . 2.22 -0.35 -0.59
C10 PVV C . 3.47 -0.79 -1.32
C11 PVV C . 4.22 -1.39 -3.57
C12 PVV C . 5.74 -2.82 -4.76
C13 PVV C . 5.02 -1.98 -5.52
C14 PVV C . 2.12 -1.36 1.73
C15 PVV C . 4.23 -5.37 -0.75
N PVV C . 0.07 -0.45 0.65
C PVV C . 0.65 -5.08 -1.46
O PVV C . 4.47 -1.18 -0.72
C1 PVV C . 1.92 -4.75 -0.96
C16 PVV C . -0.73 -6.73 -2.53
C2 PVV C . 2.13 -3.52 -0.36
C3 PVV C . 1.10 -2.59 -0.25
O1 PVV C . 2.90 -5.71 -1.13
O2 PVV C . 0.55 -6.33 -2.03
S PVV C . 5.35 -2.62 -3.11
#